data_6ROY
#
_entry.id   6ROY
#
_cell.length_a   29.856
_cell.length_b   29.856
_cell.length_c   208.227
_cell.angle_alpha   90.00
_cell.angle_beta   90.00
_cell.angle_gamma   90.00
#
_symmetry.space_group_name_H-M   'P 43'
#
loop_
_entity.id
_entity.type
_entity.pdbx_description
1 polymer 'Tyrosine-protein phosphatase non-receptor type 11'
2 polymer 'immune receptor tyrosine-based inhibitory motif (ITIM)'
3 water water
#
loop_
_entity_poly.entity_id
_entity_poly.type
_entity_poly.pdbx_seq_one_letter_code
_entity_poly.pdbx_strand_id
1 'polypeptide(L)'
;MASRRWFHPNITGVEAENLLLTRGVDGSFLARPSKSNPGDFTLSVRRNGAVTHIKIQNTGDYYDLYGGEKFATLAELVQY
YMEHHGQLKEKNGDVIELKYPLNC
;
A,B
2 'polypeptide(L)' FSVD(PTR)GELDFQ D,C
#
# COMPACT_ATOMS: atom_id res chain seq x y z
N SER A 3 7.20 8.86 -27.45
CA SER A 3 6.52 10.01 -26.78
C SER A 3 6.93 10.12 -25.31
N ARG A 4 6.62 9.08 -24.52
CA ARG A 4 6.97 8.99 -23.09
C ARG A 4 6.64 10.27 -22.31
N ARG A 5 5.35 10.62 -22.30
CA ARG A 5 4.86 11.90 -21.78
C ARG A 5 5.21 12.16 -20.31
N TRP A 6 5.25 11.10 -19.51
CA TRP A 6 5.63 11.15 -18.09
C TRP A 6 7.08 11.55 -17.78
N PHE A 7 7.96 11.55 -18.79
CA PHE A 7 9.36 11.98 -18.62
C PHE A 7 9.54 13.51 -18.72
N HIS A 8 10.12 14.11 -17.68
CA HIS A 8 10.37 15.54 -17.63
C HIS A 8 11.89 15.74 -17.70
N PRO A 9 12.42 16.09 -18.89
CA PRO A 9 13.88 16.12 -19.07
C PRO A 9 14.62 17.26 -18.35
N ASN A 10 13.92 18.33 -17.97
CA ASN A 10 14.56 19.58 -17.53
C ASN A 10 14.16 20.00 -16.12
N ILE A 11 13.81 19.03 -15.27
CA ILE A 11 13.25 19.33 -13.96
C ILE A 11 14.13 18.75 -12.85
N THR A 12 14.25 19.48 -11.74
CA THR A 12 14.94 18.95 -10.56
C THR A 12 13.93 18.30 -9.61
N GLY A 13 14.43 17.68 -8.55
CA GLY A 13 13.57 16.99 -7.58
C GLY A 13 12.62 17.89 -6.80
N VAL A 14 13.11 19.07 -6.46
CA VAL A 14 12.31 20.05 -5.72
C VAL A 14 11.23 20.62 -6.66
N GLU A 15 11.58 20.86 -7.91
CA GLU A 15 10.61 21.28 -8.92
C GLU A 15 9.59 20.15 -9.22
N ALA A 16 10.06 18.93 -9.38
CA ALA A 16 9.17 17.75 -9.52
C ALA A 16 8.15 17.69 -8.38
N GLU A 17 8.64 17.90 -7.16
CA GLU A 17 7.81 17.86 -5.96
C GLU A 17 6.70 18.90 -6.04
N ASN A 18 7.08 20.15 -6.25
CA ASN A 18 6.14 21.24 -6.38
C ASN A 18 5.12 20.99 -7.49
N LEU A 19 5.62 20.54 -8.64
CA LEU A 19 4.79 20.23 -9.80
C LEU A 19 3.72 19.16 -9.45
N LEU A 20 4.15 18.04 -8.85
CA LEU A 20 3.19 16.98 -8.45
C LEU A 20 2.16 17.48 -7.45
N LEU A 21 2.58 18.36 -6.54
CA LEU A 21 1.68 18.91 -5.51
C LEU A 21 0.67 19.90 -6.04
N THR A 22 1.08 20.71 -7.02
CA THR A 22 0.21 21.71 -7.61
C THR A 22 -0.68 21.05 -8.66
N ARG A 23 -0.06 20.39 -9.63
CA ARG A 23 -0.76 19.89 -10.82
C ARG A 23 -1.32 18.47 -10.73
N GLY A 24 -0.76 17.62 -9.88
CA GLY A 24 -1.17 16.20 -9.79
C GLY A 24 -2.19 15.88 -8.72
N VAL A 25 -2.61 14.60 -8.67
CA VAL A 25 -3.40 14.01 -7.57
C VAL A 25 -2.56 12.87 -6.97
N ASP A 26 -2.94 12.36 -5.80
CA ASP A 26 -2.26 11.19 -5.23
C ASP A 26 -2.33 10.04 -6.25
N GLY A 27 -1.19 9.41 -6.51
CA GLY A 27 -1.06 8.49 -7.64
C GLY A 27 -0.37 9.12 -8.86
N SER A 28 -0.24 10.44 -8.88
CA SER A 28 0.46 11.10 -10.00
C SER A 28 1.96 10.85 -9.83
N PHE A 29 2.65 10.69 -10.94
CA PHE A 29 4.06 10.39 -10.91
C PHE A 29 4.72 10.93 -12.16
N LEU A 30 6.04 11.02 -12.10
CA LEU A 30 6.83 11.38 -13.26
C LEU A 30 8.21 10.77 -13.11
N ALA A 31 8.92 10.71 -14.24
CA ALA A 31 10.33 10.34 -14.26
C ALA A 31 11.12 11.55 -14.69
N ARG A 32 12.36 11.61 -14.18
CA ARG A 32 13.28 12.67 -14.51
C ARG A 32 14.71 12.12 -14.51
N PRO A 33 15.67 12.91 -15.07
CA PRO A 33 17.08 12.54 -14.96
C PRO A 33 17.54 12.64 -13.52
N SER A 34 18.43 11.76 -13.10
CA SER A 34 19.01 11.85 -11.76
C SER A 34 19.98 13.01 -11.72
N LYS A 35 19.93 13.79 -10.64
CA LYS A 35 20.99 14.76 -10.36
C LYS A 35 22.12 14.07 -9.58
N SER A 36 21.74 13.28 -8.57
CA SER A 36 22.68 12.54 -7.72
C SER A 36 23.58 11.56 -8.48
N ASN A 37 23.14 11.03 -9.62
CA ASN A 37 23.96 10.11 -10.40
C ASN A 37 23.71 10.23 -11.93
N PRO A 38 24.54 11.03 -12.63
CA PRO A 38 24.36 11.22 -14.09
C PRO A 38 24.33 9.92 -14.90
N GLY A 39 23.33 9.79 -15.78
CA GLY A 39 23.07 8.55 -16.50
C GLY A 39 21.82 7.87 -15.97
N ASP A 40 21.67 7.84 -14.64
CA ASP A 40 20.46 7.31 -14.00
C ASP A 40 19.22 8.19 -14.20
N PHE A 41 18.09 7.67 -13.74
CA PHE A 41 16.85 8.43 -13.70
C PHE A 41 16.27 8.37 -12.29
N THR A 42 15.20 9.11 -12.08
CA THR A 42 14.47 9.13 -10.82
C THR A 42 12.97 9.21 -11.08
N LEU A 43 12.21 8.44 -10.30
CA LEU A 43 10.75 8.50 -10.27
C LEU A 43 10.38 9.37 -9.10
N SER A 44 9.43 10.27 -9.31
CA SER A 44 8.91 11.10 -8.25
C SER A 44 7.41 10.87 -8.24
N VAL A 45 6.90 10.48 -7.08
CA VAL A 45 5.55 9.92 -6.95
C VAL A 45 4.79 10.61 -5.83
N ARG A 46 3.62 11.16 -6.15
CA ARG A 46 2.75 11.75 -5.16
C ARG A 46 1.91 10.65 -4.49
N ARG A 47 1.87 10.69 -3.16
CA ARG A 47 1.16 9.69 -2.37
C ARG A 47 0.83 10.31 -0.99
N ASN A 48 -0.43 10.21 -0.58
CA ASN A 48 -0.92 10.80 0.68
C ASN A 48 -0.55 12.29 0.87
N GLY A 49 -0.54 13.04 -0.23
CA GLY A 49 -0.26 14.47 -0.20
C GLY A 49 1.21 14.87 -0.13
N ALA A 50 2.12 13.90 -0.18
CA ALA A 50 3.56 14.18 -0.24
C ALA A 50 4.20 13.33 -1.33
N VAL A 51 5.46 13.65 -1.64
CA VAL A 51 6.18 13.02 -2.75
C VAL A 51 7.38 12.19 -2.26
N THR A 52 7.45 10.93 -2.71
CA THR A 52 8.63 10.09 -2.52
C THR A 52 9.37 9.96 -3.84
N HIS A 53 10.69 9.89 -3.76
CA HIS A 53 11.54 9.78 -4.93
C HIS A 53 12.26 8.43 -4.91
N ILE A 54 12.37 7.80 -6.07
CA ILE A 54 12.91 6.45 -6.23
C ILE A 54 14.00 6.46 -7.30
N LYS A 55 15.20 6.01 -6.93
CA LYS A 55 16.34 5.92 -7.84
C LYS A 55 16.16 4.84 -8.90
N ILE A 56 16.47 5.17 -10.15
CA ILE A 56 16.48 4.19 -11.25
C ILE A 56 17.91 4.00 -11.76
N GLN A 57 18.43 2.78 -11.64
CA GLN A 57 19.77 2.45 -12.13
C GLN A 57 19.74 2.25 -13.65
N ASN A 58 20.62 2.97 -14.35
CA ASN A 58 20.96 2.68 -15.74
C ASN A 58 22.43 2.28 -15.77
N THR A 59 22.65 0.99 -15.89
CA THR A 59 23.99 0.43 -15.97
C THR A 59 24.61 0.61 -17.36
N GLY A 60 23.76 0.85 -18.37
CA GLY A 60 24.14 0.80 -19.77
C GLY A 60 23.51 -0.41 -20.44
N ASP A 61 23.48 -1.54 -19.72
CA ASP A 61 22.88 -2.79 -20.18
C ASP A 61 21.37 -2.73 -20.00
N TYR A 62 20.92 -2.55 -18.76
CA TYR A 62 19.50 -2.61 -18.38
C TYR A 62 19.16 -1.52 -17.36
N TYR A 63 17.86 -1.40 -17.08
CA TYR A 63 17.32 -0.51 -16.04
C TYR A 63 16.68 -1.32 -14.90
N ASP A 64 16.85 -0.84 -13.66
CA ASP A 64 16.11 -1.36 -12.49
C ASP A 64 16.05 -0.31 -11.37
N LEU A 65 15.59 -0.69 -10.19
CA LEU A 65 15.47 0.24 -9.06
C LEU A 65 16.46 -0.10 -7.98
N TYR A 66 17.69 -0.41 -8.40
CA TYR A 66 18.73 -0.91 -7.52
C TYR A 66 18.16 -2.12 -6.76
N GLY A 67 17.71 -3.08 -7.58
CA GLY A 67 17.01 -4.28 -7.13
C GLY A 67 15.73 -4.41 -7.92
N GLY A 68 14.99 -5.49 -7.67
CA GLY A 68 13.77 -5.78 -8.39
C GLY A 68 14.10 -6.31 -9.78
N GLU A 69 13.08 -6.47 -10.60
CA GLU A 69 13.25 -6.97 -11.97
C GLU A 69 13.92 -5.92 -12.87
N LYS A 70 14.65 -6.41 -13.87
CA LYS A 70 15.44 -5.59 -14.79
C LYS A 70 14.74 -5.48 -16.14
N PHE A 71 14.91 -4.34 -16.82
CA PHE A 71 14.26 -4.11 -18.12
C PHE A 71 15.22 -3.48 -19.09
N ALA A 72 14.99 -3.75 -20.38
CA ALA A 72 15.85 -3.21 -21.44
C ALA A 72 15.79 -1.67 -21.48
N THR A 73 14.60 -1.10 -21.27
CA THR A 73 14.36 0.34 -21.41
C THR A 73 13.64 0.97 -20.23
N LEU A 74 13.72 2.29 -20.16
CA LEU A 74 13.04 3.05 -19.13
C LEU A 74 11.54 2.91 -19.20
N ALA A 75 10.99 2.93 -20.42
CA ALA A 75 9.54 2.79 -20.63
C ALA A 75 8.99 1.42 -20.18
N GLU A 76 9.80 0.37 -20.36
CA GLU A 76 9.42 -0.97 -19.90
C GLU A 76 9.36 -1.02 -18.37
N LEU A 77 10.31 -0.37 -17.71
CA LEU A 77 10.33 -0.33 -16.27
C LEU A 77 9.13 0.42 -15.73
N VAL A 78 8.87 1.60 -16.27
CA VAL A 78 7.76 2.42 -15.82
C VAL A 78 6.42 1.73 -16.04
N GLN A 79 6.20 1.19 -17.24
CA GLN A 79 4.97 0.47 -17.56
C GLN A 79 4.80 -0.76 -16.65
N TYR A 80 5.89 -1.49 -16.38
CA TYR A 80 5.81 -2.67 -15.52
C TYR A 80 5.30 -2.30 -14.14
N TYR A 81 5.82 -1.22 -13.57
CA TYR A 81 5.41 -0.81 -12.23
C TYR A 81 4.06 -0.11 -12.19
N MET A 82 3.63 0.45 -13.31
CA MET A 82 2.26 0.94 -13.47
C MET A 82 1.27 -0.22 -13.42
N GLU A 83 1.68 -1.38 -13.97
CA GLU A 83 0.83 -2.57 -14.17
C GLU A 83 0.99 -3.69 -13.13
N HIS A 84 1.88 -3.51 -12.17
CA HIS A 84 2.12 -4.50 -11.12
C HIS A 84 2.29 -3.76 -9.79
N HIS A 85 1.19 -3.23 -9.25
CA HIS A 85 1.22 -2.23 -8.13
C HIS A 85 1.83 -2.79 -6.84
N GLY A 86 1.66 -4.08 -6.60
CA GLY A 86 2.26 -4.73 -5.43
C GLY A 86 3.76 -4.87 -5.49
N GLN A 87 4.35 -4.73 -6.68
CA GLN A 87 5.79 -4.95 -6.85
C GLN A 87 6.69 -3.81 -6.38
N LEU A 88 6.12 -2.61 -6.21
CA LEU A 88 6.87 -1.45 -5.75
C LEU A 88 6.39 -1.08 -4.36
N LYS A 89 7.19 -1.42 -3.34
CA LYS A 89 6.83 -1.12 -1.95
C LYS A 89 8.05 -0.67 -1.19
N GLU A 90 7.85 0.23 -0.23
CA GLU A 90 8.94 0.57 0.67
C GLU A 90 9.09 -0.49 1.74
N LYS A 91 10.06 -0.30 2.63
CA LYS A 91 10.33 -1.25 3.72
C LYS A 91 9.13 -1.45 4.65
N ASN A 92 8.40 -0.37 4.94
CA ASN A 92 7.26 -0.44 5.87
C ASN A 92 6.02 -1.22 5.35
N GLY A 93 6.04 -1.67 4.09
CA GLY A 93 4.94 -2.45 3.50
C GLY A 93 4.01 -1.65 2.59
N ASP A 94 4.11 -0.31 2.61
CA ASP A 94 3.29 0.54 1.75
C ASP A 94 3.74 0.46 0.32
N VAL A 95 2.79 0.21 -0.58
CA VAL A 95 3.04 0.30 -2.00
C VAL A 95 3.25 1.75 -2.41
N ILE A 96 4.00 1.93 -3.46
CA ILE A 96 4.27 3.23 -4.05
C ILE A 96 3.59 3.14 -5.40
N GLU A 97 2.43 3.75 -5.53
CA GLU A 97 1.57 3.47 -6.68
C GLU A 97 1.76 4.48 -7.80
N LEU A 98 2.16 4.00 -8.98
CA LEU A 98 2.29 4.82 -10.17
C LEU A 98 0.99 4.77 -10.98
N LYS A 99 0.07 5.66 -10.65
CA LYS A 99 -1.28 5.63 -11.25
C LYS A 99 -1.42 6.54 -12.44
N TYR A 100 -1.04 7.79 -12.24
CA TYR A 100 -1.40 8.87 -13.16
C TYR A 100 -0.13 9.58 -13.65
N PRO A 101 0.28 9.29 -14.89
CA PRO A 101 1.50 9.89 -15.38
C PRO A 101 1.24 11.37 -15.57
N LEU A 102 2.03 12.21 -14.90
CA LEU A 102 1.92 13.67 -15.05
C LEU A 102 2.73 14.05 -16.29
N ASN A 103 2.04 14.56 -17.30
CA ASN A 103 2.65 14.93 -18.58
C ASN A 103 3.49 16.21 -18.44
N CYS A 104 4.52 16.33 -19.28
CA CYS A 104 5.31 17.54 -19.36
C CYS A 104 4.54 18.52 -20.24
N VAL B 3 13.35 15.75 -0.15
CA VAL B 3 14.07 14.73 -0.99
C VAL B 3 15.30 14.23 -0.21
N ASP B 4 15.26 13.12 0.54
CA ASP B 4 14.18 12.08 0.65
C ASP B 4 14.17 11.08 -0.54
N GLY B 6 13.25 7.09 -0.93
CA GLY B 6 12.66 5.95 -0.23
C GLY B 6 13.42 4.66 -0.43
N GLU B 7 13.35 3.78 0.56
CA GLU B 7 14.01 2.48 0.52
C GLU B 7 12.98 1.44 0.14
N LEU B 8 13.33 0.52 -0.77
CA LEU B 8 12.39 -0.42 -1.35
C LEU B 8 12.50 -1.88 -0.83
N ASP B 9 11.36 -2.51 -0.64
CA ASP B 9 11.25 -3.94 -0.36
C ASP B 9 10.88 -4.62 -1.69
N PHE B 10 11.78 -5.46 -2.20
CA PHE B 10 11.45 -6.33 -3.35
C PHE B 10 10.94 -7.71 -2.90
N GLN B 11 10.15 -8.35 -3.77
CA GLN B 11 9.36 -9.58 -3.47
C GLN B 11 9.63 -10.24 -2.12
N SER C 3 -6.40 -19.54 -1.47
CA SER C 3 -5.77 -19.97 -0.19
C SER C 3 -6.24 -19.10 0.97
N ARG C 4 -5.94 -17.79 0.91
CA ARG C 4 -6.36 -16.79 1.91
C ARG C 4 -6.08 -17.24 3.35
N ARG C 5 -4.81 -17.48 3.65
CA ARG C 5 -4.37 -18.11 4.90
C ARG C 5 -4.79 -17.37 6.17
N TRP C 6 -4.84 -16.04 6.08
CA TRP C 6 -5.30 -15.16 7.19
C TRP C 6 -6.77 -15.31 7.61
N PHE C 7 -7.60 -15.97 6.79
CA PHE C 7 -9.01 -16.21 7.13
C PHE C 7 -9.22 -17.44 8.04
N HIS C 8 -9.86 -17.24 9.18
CA HIS C 8 -10.13 -18.29 10.16
C HIS C 8 -11.64 -18.52 10.15
N PRO C 9 -12.12 -19.57 9.45
CA PRO C 9 -13.56 -19.74 9.25
C PRO C 9 -14.36 -20.16 10.49
N ASN C 10 -13.70 -20.72 11.51
CA ASN C 10 -14.39 -21.39 12.62
C ASN C 10 -14.05 -20.80 13.99
N ILE C 11 -13.75 -19.51 14.02
CA ILE C 11 -13.27 -18.87 15.24
C ILE C 11 -14.21 -17.73 15.66
N THR C 12 -14.40 -17.56 16.95
CA THR C 12 -15.15 -16.40 17.49
C THR C 12 -14.18 -15.28 17.84
N GLY C 13 -14.72 -14.12 18.21
CA GLY C 13 -13.90 -12.96 18.55
C GLY C 13 -13.01 -13.12 19.77
N VAL C 14 -13.54 -13.80 20.78
CA VAL C 14 -12.81 -14.05 22.01
C VAL C 14 -11.69 -15.06 21.73
N GLU C 15 -11.98 -16.07 20.92
CA GLU C 15 -10.98 -17.03 20.48
C GLU C 15 -9.91 -16.35 19.57
N ALA C 16 -10.35 -15.52 18.63
CA ALA C 16 -9.42 -14.70 17.81
C ALA C 16 -8.48 -13.90 18.69
N GLU C 17 -9.02 -13.28 19.73
CA GLU C 17 -8.26 -12.45 20.66
C GLU C 17 -7.17 -13.28 21.33
N ASN C 18 -7.57 -14.38 21.97
CA ASN C 18 -6.64 -15.28 22.62
C ASN C 18 -5.55 -15.78 21.65
N LEU C 19 -5.98 -16.19 20.47
CA LEU C 19 -5.09 -16.68 19.42
C LEU C 19 -4.03 -15.63 19.05
N LEU C 20 -4.46 -14.40 18.77
CA LEU C 20 -3.50 -13.31 18.44
C LEU C 20 -2.53 -13.03 19.57
N LEU C 21 -3.00 -13.12 20.81
CA LEU C 21 -2.18 -12.85 22.00
C LEU C 21 -1.16 -13.95 22.28
N THR C 22 -1.55 -15.19 22.05
CA THR C 22 -0.66 -16.32 22.27
C THR C 22 0.30 -16.49 21.11
N ARG C 23 -0.26 -16.62 19.90
CA ARG C 23 0.51 -17.00 18.71
C ARG C 23 1.09 -15.83 17.89
N GLY C 24 0.50 -14.64 17.96
CA GLY C 24 0.93 -13.50 17.13
C GLY C 24 1.92 -12.54 17.79
N VAL C 25 2.36 -11.53 17.03
CA VAL C 25 3.10 -10.34 17.53
C VAL C 25 2.25 -9.11 17.20
N ASP C 26 2.58 -7.95 17.77
CA ASP C 26 1.90 -6.71 17.41
C ASP C 26 2.05 -6.50 15.90
N GLY C 27 0.95 -6.20 15.23
CA GLY C 27 0.87 -6.24 13.77
C GLY C 27 0.24 -7.52 13.22
N SER C 28 0.09 -8.55 14.05
CA SER C 28 -0.56 -9.79 13.59
C SER C 28 -2.06 -9.52 13.48
N PHE C 29 -2.68 -10.13 12.49
CA PHE C 29 -4.08 -9.91 12.25
C PHE C 29 -4.70 -11.14 11.60
N LEU C 30 -6.01 -11.19 11.63
CA LEU C 30 -6.76 -12.23 10.95
C LEU C 30 -8.13 -11.69 10.59
N ALA C 31 -8.78 -12.38 9.66
CA ALA C 31 -10.17 -12.16 9.32
C ALA C 31 -10.97 -13.37 9.74
N ARG C 32 -12.22 -13.12 10.10
CA ARG C 32 -13.15 -14.15 10.49
C ARG C 32 -14.56 -13.76 10.07
N PRO C 33 -15.50 -14.74 10.10
CA PRO C 33 -16.93 -14.42 9.88
C PRO C 33 -17.46 -13.56 11.02
N SER C 34 -18.35 -12.63 10.71
CA SER C 34 -18.99 -11.83 11.75
C SER C 34 -19.98 -12.70 12.52
N LYS C 35 -19.98 -12.56 13.84
CA LYS C 35 -21.03 -13.13 14.68
C LYS C 35 -22.21 -12.13 14.74
N SER C 36 -21.90 -10.86 14.97
CA SER C 36 -22.90 -9.78 15.07
C SER C 36 -23.74 -9.57 13.81
N ASN C 37 -23.21 -9.91 12.63
CA ASN C 37 -23.97 -9.76 11.39
C ASN C 37 -23.63 -10.82 10.33
N PRO C 38 -24.44 -11.92 10.27
CA PRO C 38 -24.20 -12.99 9.29
C PRO C 38 -24.11 -12.51 7.83
N GLY C 39 -23.07 -12.96 7.13
CA GLY C 39 -22.75 -12.47 5.78
C GLY C 39 -21.50 -11.60 5.83
N ASP C 40 -21.43 -10.71 6.82
CA ASP C 40 -20.24 -9.87 7.02
C ASP C 40 -19.02 -10.65 7.52
N PHE C 41 -17.90 -9.94 7.58
CA PHE C 41 -16.67 -10.46 8.18
C PHE C 41 -16.17 -9.49 9.23
N THR C 42 -15.12 -9.90 9.93
CA THR C 42 -14.46 -9.09 10.94
C THR C 42 -12.95 -9.28 10.88
N LEU C 43 -12.23 -8.18 11.01
CA LEU C 43 -10.78 -8.17 11.14
C LEU C 43 -10.48 -8.08 12.62
N SER C 44 -9.54 -8.88 13.09
CA SER C 44 -9.09 -8.81 14.47
C SER C 44 -7.59 -8.60 14.40
N VAL C 45 -7.13 -7.54 15.06
CA VAL C 45 -5.78 -7.00 14.87
C VAL C 45 -5.10 -6.78 16.20
N ARG C 46 -3.92 -7.40 16.38
CA ARG C 46 -3.12 -7.19 17.56
C ARG C 46 -2.29 -5.90 17.40
N ARG C 47 -2.32 -5.07 18.44
CA ARG C 47 -1.63 -3.78 18.43
C ARG C 47 -1.40 -3.35 19.89
N ASN C 48 -0.14 -2.99 20.21
CA ASN C 48 0.27 -2.61 21.58
C ASN C 48 -0.15 -3.62 22.66
N GLY C 49 -0.11 -4.91 22.32
CA GLY C 49 -0.42 -5.98 23.26
C GLY C 49 -1.90 -6.27 23.49
N ALA C 50 -2.79 -5.58 22.77
CA ALA C 50 -4.23 -5.86 22.83
C ALA C 50 -4.80 -5.94 21.42
N VAL C 51 -6.05 -6.40 21.32
CA VAL C 51 -6.69 -6.66 20.03
C VAL C 51 -7.89 -5.73 19.81
N THR C 52 -7.91 -5.07 18.64
CA THR C 52 -9.10 -4.34 18.18
C THR C 52 -9.75 -5.11 17.05
N HIS C 53 -11.08 -5.03 17.00
CA HIS C 53 -11.87 -5.72 15.99
C HIS C 53 -12.56 -4.67 15.11
N ILE C 54 -12.58 -4.96 13.79
CA ILE C 54 -13.10 -4.05 12.78
C ILE C 54 -14.14 -4.77 11.92
N LYS C 55 -15.35 -4.21 11.85
CA LYS C 55 -16.43 -4.76 11.01
C LYS C 55 -16.16 -4.61 9.54
N ILE C 56 -16.42 -5.67 8.77
CA ILE C 56 -16.34 -5.64 7.31
C ILE C 56 -17.74 -5.85 6.72
N GLN C 57 -18.25 -4.85 5.99
CA GLN C 57 -19.55 -4.95 5.34
C GLN C 57 -19.44 -5.77 4.05
N ASN C 58 -20.29 -6.80 3.95
CA ASN C 58 -20.55 -7.49 2.68
C ASN C 58 -22.01 -7.22 2.33
N THR C 59 -22.20 -6.32 1.37
CA THR C 59 -23.52 -5.98 0.87
C THR C 59 -24.05 -7.03 -0.10
N GLY C 60 -23.15 -7.85 -0.67
CA GLY C 60 -23.46 -8.74 -1.79
C GLY C 60 -22.77 -8.23 -3.04
N ASP C 61 -22.77 -6.90 -3.22
CA ASP C 61 -22.12 -6.23 -4.35
C ASP C 61 -20.61 -6.12 -4.11
N TYR C 62 -20.24 -5.45 -3.01
CA TYR C 62 -18.85 -5.13 -2.68
C TYR C 62 -18.59 -5.29 -1.18
N TYR C 63 -17.31 -5.19 -0.82
CA TYR C 63 -16.84 -5.16 0.57
C TYR C 63 -16.23 -3.80 0.95
N ASP C 64 -16.49 -3.37 2.19
CA ASP C 64 -15.80 -2.21 2.79
C ASP C 64 -15.82 -2.29 4.33
N LEU C 65 -15.42 -1.22 5.00
CA LEU C 65 -15.37 -1.19 6.47
C LEU C 65 -16.42 -0.25 7.02
N TYR C 66 -17.62 -0.32 6.43
CA TYR C 66 -18.68 0.62 6.72
C TYR C 66 -18.13 2.04 6.52
N GLY C 67 -17.62 2.26 5.32
CA GLY C 67 -16.92 3.47 4.92
C GLY C 67 -15.59 3.08 4.30
N GLY C 68 -14.86 4.08 3.83
CA GLY C 68 -13.59 3.87 3.15
C GLY C 68 -13.85 3.36 1.74
N GLU C 69 -12.79 2.96 1.06
CA GLU C 69 -12.87 2.45 -0.30
C GLU C 69 -13.51 1.05 -0.34
N LYS C 70 -14.17 0.76 -1.46
CA LYS C 70 -14.92 -0.47 -1.67
C LYS C 70 -14.16 -1.41 -2.59
N PHE C 71 -14.31 -2.72 -2.37
CA PHE C 71 -13.59 -3.73 -3.17
C PHE C 71 -14.52 -4.86 -3.55
N ALA C 72 -14.22 -5.49 -4.69
CA ALA C 72 -15.03 -6.59 -5.18
C ALA C 72 -15.00 -7.80 -4.21
N THR C 73 -13.83 -8.07 -3.63
CA THR C 73 -13.62 -9.26 -2.79
C THR C 73 -12.97 -8.95 -1.44
N LEU C 74 -13.08 -9.92 -0.55
CA LEU C 74 -12.48 -9.81 0.77
C LEU C 74 -10.95 -9.72 0.70
N ALA C 75 -10.35 -10.52 -0.18
CA ALA C 75 -8.90 -10.51 -0.35
C ALA C 75 -8.34 -9.18 -0.86
N GLU C 76 -9.11 -8.51 -1.73
CA GLU C 76 -8.75 -7.18 -2.21
C GLU C 76 -8.76 -6.15 -1.09
N LEU C 77 -9.76 -6.24 -0.22
CA LEU C 77 -9.85 -5.32 0.91
C LEU C 77 -8.69 -5.53 1.85
N VAL C 78 -8.44 -6.78 2.23
CA VAL C 78 -7.36 -7.08 3.15
C VAL C 78 -6.00 -6.67 2.61
N GLN C 79 -5.70 -7.04 1.35
CA GLN C 79 -4.45 -6.67 0.70
C GLN C 79 -4.30 -5.14 0.61
N TYR C 80 -5.38 -4.43 0.29
CA TYR C 80 -5.33 -2.98 0.19
C TYR C 80 -4.91 -2.34 1.50
N TYR C 81 -5.48 -2.81 2.61
CA TYR C 81 -5.16 -2.25 3.91
C TYR C 81 -3.82 -2.73 4.47
N MET C 82 -3.35 -3.88 4.00
CA MET C 82 -1.98 -4.32 4.27
C MET C 82 -0.96 -3.40 3.61
N GLU C 83 -1.32 -2.87 2.43
CA GLU C 83 -0.43 -2.09 1.55
C GLU C 83 -0.62 -0.57 1.60
N HIS C 84 -1.58 -0.10 2.41
CA HIS C 84 -1.86 1.33 2.55
C HIS C 84 -2.12 1.62 4.04
N HIS C 85 -1.06 1.56 4.87
CA HIS C 85 -1.20 1.52 6.34
C HIS C 85 -1.86 2.78 6.93
N GLY C 86 -1.64 3.92 6.30
CA GLY C 86 -2.28 5.17 6.70
C GLY C 86 -3.79 5.22 6.49
N GLN C 87 -4.32 4.35 5.64
CA GLN C 87 -5.74 4.37 5.29
C GLN C 87 -6.69 3.79 6.34
N LEU C 88 -6.16 3.00 7.28
CA LEU C 88 -6.96 2.41 8.34
C LEU C 88 -6.55 3.04 9.66
N LYS C 89 -7.38 3.94 10.18
CA LYS C 89 -7.10 4.62 11.45
C LYS C 89 -8.36 4.75 12.26
N GLU C 90 -8.22 4.74 13.58
CA GLU C 90 -9.33 5.06 14.47
C GLU C 90 -9.58 6.58 14.45
N LYS C 91 -10.62 7.01 15.15
CA LYS C 91 -10.91 8.44 15.38
C LYS C 91 -9.74 9.18 16.05
N ASN C 92 -9.07 8.53 17.01
CA ASN C 92 -7.96 9.17 17.73
C ASN C 92 -6.67 9.43 16.93
N GLY C 93 -6.61 8.98 15.67
CA GLY C 93 -5.46 9.21 14.79
C GLY C 93 -4.51 8.03 14.65
N ASP C 94 -4.63 7.03 15.53
CA ASP C 94 -3.77 5.85 15.49
C ASP C 94 -4.15 4.95 14.33
N VAL C 95 -3.14 4.57 13.54
CA VAL C 95 -3.34 3.57 12.50
C VAL C 95 -3.54 2.22 13.14
N ILE C 96 -4.24 1.36 12.41
CA ILE C 96 -4.50 -0.01 12.80
C ILE C 96 -3.76 -0.78 11.74
N GLU C 97 -2.60 -1.33 12.09
CA GLU C 97 -1.69 -1.84 11.08
C GLU C 97 -1.85 -3.34 10.90
N LEU C 98 -2.17 -3.75 9.67
CA LEU C 98 -2.26 -5.16 9.30
C LEU C 98 -0.92 -5.61 8.72
N LYS C 99 -0.04 -6.07 9.60
CA LYS C 99 1.34 -6.38 9.18
C LYS C 99 1.53 -7.85 8.88
N TYR C 100 1.12 -8.69 9.81
CA TYR C 100 1.50 -10.10 9.84
C TYR C 100 0.25 -10.99 9.86
N PRO C 101 -0.08 -11.57 8.71
CA PRO C 101 -1.29 -12.38 8.65
C PRO C 101 -1.05 -13.62 9.49
N LEU C 102 -1.89 -13.85 10.49
CA LEU C 102 -1.81 -15.06 11.32
C LEU C 102 -2.55 -16.16 10.57
N ASN C 103 -1.81 -17.19 10.16
CA ASN C 103 -2.36 -18.32 9.40
C ASN C 103 -3.24 -19.21 10.28
N CYS C 104 -4.21 -19.87 9.67
CA CYS C 104 -5.03 -20.86 10.36
C CYS C 104 -4.25 -22.16 10.29
N VAL D 3 -16.62 -7.47 23.83
CA VAL D 3 -15.56 -7.36 22.79
C VAL D 3 -15.73 -6.06 21.99
N ASP D 4 -14.65 -5.28 21.91
CA ASP D 4 -14.68 -3.94 21.31
C ASP D 4 -14.75 -3.94 19.77
N GLY D 6 -13.89 -1.15 17.09
CA GLY D 6 -13.30 0.19 16.97
C GLY D 6 -13.98 1.06 15.92
N GLU D 7 -13.97 2.37 16.15
CA GLU D 7 -14.57 3.36 15.25
C GLU D 7 -13.47 3.90 14.37
N LEU D 8 -13.73 3.99 13.06
CA LEU D 8 -12.71 4.40 12.09
C LEU D 8 -12.83 5.85 11.55
N ASP D 9 -11.67 6.43 11.25
CA ASP D 9 -11.55 7.72 10.55
C ASP D 9 -11.06 7.42 9.14
N PHE D 10 -11.90 7.69 8.14
CA PHE D 10 -11.48 7.65 6.73
C PHE D 10 -11.01 9.04 6.24
N GLN D 11 -10.10 9.06 5.26
CA GLN D 11 -9.54 10.31 4.74
C GLN D 11 -10.58 11.11 3.92
#